data_2IMJ
#
_entry.id   2IMJ
#
_cell.length_a   51.858
_cell.length_b   88.760
_cell.length_c   74.704
_cell.angle_alpha   90.00
_cell.angle_beta   103.26
_cell.angle_gamma   90.00
#
_symmetry.space_group_name_H-M   'P 1 21 1'
#
loop_
_entity.id
_entity.type
_entity.pdbx_description
1 polymer 'Hypothetical protein DUF1348'
2 non-polymer 'ACETATE ION'
3 non-polymer 1,2-ETHANEDIOL
4 water water
#
_entity_poly.entity_id   1
_entity_poly.type   'polypeptide(L)'
_entity_poly.pdbx_seq_one_letter_code
;(MSE)SSNAQVRPPLPPFTRESAIEKIRLAEDGWNSRDPERVSLAYTLDTQWRNRAEFAHNREEAKAFLTRKWAKELDYR
LIKELWAFTDNRIAVRYAYEWHDDSGNWFRSYGNENWEFDEQGL(MSE)ARRFACIND(MSE)PIKAQERKFHWPLGRRP
DDHPGLSELGLEHHHHHH
;
_entity_poly.pdbx_strand_id   A,B,C,D
#
# COMPACT_ATOMS: atom_id res chain seq x y z
N ALA A 5 -11.51 -31.63 -3.44
CA ALA A 5 -11.88 -32.47 -4.62
C ALA A 5 -12.42 -31.62 -5.76
N GLN A 6 -11.84 -30.43 -5.94
CA GLN A 6 -12.26 -29.53 -7.00
C GLN A 6 -11.63 -29.86 -8.35
N VAL A 7 -12.25 -29.35 -9.39
CA VAL A 7 -11.79 -29.51 -10.77
C VAL A 7 -12.22 -28.22 -11.44
N ARG A 8 -11.25 -27.39 -11.83
CA ARG A 8 -11.57 -26.11 -12.45
C ARG A 8 -10.97 -25.94 -13.84
N PRO A 9 -11.76 -26.18 -14.89
CA PRO A 9 -11.30 -26.05 -16.27
C PRO A 9 -11.22 -24.58 -16.65
N PRO A 10 -10.43 -24.25 -17.69
CA PRO A 10 -9.62 -25.16 -18.51
C PRO A 10 -8.53 -25.90 -17.74
N LEU A 11 -8.22 -27.11 -18.19
CA LEU A 11 -7.21 -27.94 -17.54
C LEU A 11 -5.94 -27.99 -18.40
N PRO A 12 -4.76 -28.09 -17.77
CA PRO A 12 -3.50 -28.15 -18.52
C PRO A 12 -3.29 -29.54 -19.11
N PRO A 13 -2.45 -29.66 -20.15
CA PRO A 13 -1.70 -28.57 -20.79
C PRO A 13 -2.63 -27.67 -21.61
N PHE A 14 -2.30 -26.38 -21.66
CA PHE A 14 -3.12 -25.40 -22.36
C PHE A 14 -2.79 -25.21 -23.84
N THR A 15 -3.77 -24.66 -24.55
CA THR A 15 -3.63 -24.32 -25.96
C THR A 15 -3.73 -22.80 -25.88
N ARG A 16 -3.49 -22.11 -26.99
CA ARG A 16 -3.59 -20.66 -26.94
C ARG A 16 -5.00 -20.28 -26.51
N GLU A 17 -5.99 -20.94 -27.13
CA GLU A 17 -7.39 -20.69 -26.83
C GLU A 17 -7.77 -20.93 -25.37
N SER A 18 -7.41 -22.09 -24.83
CA SER A 18 -7.76 -22.39 -23.45
C SER A 18 -6.97 -21.53 -22.47
N ALA A 19 -5.77 -21.11 -22.85
CA ALA A 19 -4.97 -20.26 -21.97
C ALA A 19 -5.69 -18.92 -21.85
N ILE A 20 -6.17 -18.39 -22.97
CA ILE A 20 -6.88 -17.12 -22.96
C ILE A 20 -8.16 -17.25 -22.13
N GLU A 21 -8.83 -18.39 -22.23
CA GLU A 21 -10.05 -18.60 -21.45
C GLU A 21 -9.72 -18.65 -19.96
N LYS A 22 -8.66 -19.39 -19.61
CA LYS A 22 -8.22 -19.52 -18.23
C LYS A 22 -7.97 -18.13 -17.63
N ILE A 23 -7.30 -17.29 -18.41
CA ILE A 23 -6.98 -15.94 -17.98
C ILE A 23 -8.23 -15.07 -17.78
N ARG A 24 -9.19 -15.18 -18.71
CA ARG A 24 -10.42 -14.41 -18.64
C ARG A 24 -11.24 -14.79 -17.40
N LEU A 25 -11.30 -16.09 -17.12
CA LEU A 25 -12.03 -16.56 -15.95
C LEU A 25 -11.37 -16.04 -14.68
N ALA A 26 -10.05 -16.02 -14.66
CA ALA A 26 -9.30 -15.54 -13.50
C ALA A 26 -9.58 -14.05 -13.31
N GLU A 27 -9.53 -13.30 -14.41
CA GLU A 27 -9.81 -11.87 -14.37
C GLU A 27 -11.19 -11.64 -13.79
N ASP A 28 -12.18 -12.39 -14.27
CA ASP A 28 -13.54 -12.24 -13.76
C ASP A 28 -13.56 -12.49 -12.25
N GLY A 29 -12.80 -13.50 -11.82
CA GLY A 29 -12.75 -13.82 -10.40
C GLY A 29 -12.20 -12.67 -9.58
N TRP A 30 -11.04 -12.14 -9.97
CA TRP A 30 -10.47 -11.05 -9.20
C TRP A 30 -11.34 -9.79 -9.28
N ASN A 31 -12.04 -9.59 -10.40
CA ASN A 31 -12.90 -8.42 -10.52
C ASN A 31 -14.13 -8.51 -9.61
N SER A 32 -14.32 -9.66 -8.95
CA SER A 32 -15.45 -9.81 -8.03
C SER A 32 -15.01 -9.25 -6.68
N ARG A 33 -13.70 -9.13 -6.48
CA ARG A 33 -13.15 -8.61 -5.23
C ARG A 33 -13.65 -9.41 -4.03
N ASP A 34 -13.86 -10.70 -4.26
CA ASP A 34 -14.37 -11.63 -3.25
C ASP A 34 -13.26 -12.62 -2.87
N PRO A 35 -12.58 -12.38 -1.73
CA PRO A 35 -11.50 -13.26 -1.26
C PRO A 35 -11.81 -14.76 -1.27
N GLU A 36 -12.97 -15.13 -0.75
CA GLU A 36 -13.37 -16.54 -0.70
C GLU A 36 -13.48 -17.13 -2.12
N ARG A 37 -14.24 -16.48 -2.98
CA ARG A 37 -14.40 -16.97 -4.34
C ARG A 37 -13.07 -17.12 -5.06
N VAL A 38 -12.24 -16.08 -4.99
CA VAL A 38 -10.94 -16.11 -5.65
C VAL A 38 -10.03 -17.20 -5.09
N SER A 39 -10.02 -17.36 -3.77
CA SER A 39 -9.15 -18.35 -3.13
C SER A 39 -9.39 -19.78 -3.59
N LEU A 40 -10.61 -20.08 -4.03
CA LEU A 40 -10.95 -21.43 -4.47
C LEU A 40 -10.25 -21.86 -5.77
N ALA A 41 -9.66 -20.89 -6.47
CA ALA A 41 -8.97 -21.19 -7.71
C ALA A 41 -7.54 -21.68 -7.45
N TYR A 42 -7.13 -21.66 -6.19
CA TYR A 42 -5.77 -22.06 -5.83
C TYR A 42 -5.76 -23.34 -5.02
N THR A 43 -4.67 -24.10 -5.11
CA THR A 43 -4.54 -25.35 -4.35
C THR A 43 -4.56 -25.06 -2.86
N LEU A 44 -4.92 -26.06 -2.07
CA LEU A 44 -4.98 -25.91 -0.62
C LEU A 44 -3.61 -25.51 -0.06
N ASP A 45 -2.55 -25.98 -0.70
CA ASP A 45 -1.20 -25.66 -0.28
C ASP A 45 -0.50 -24.77 -1.30
N THR A 46 -1.27 -23.86 -1.89
CA THR A 46 -0.74 -22.96 -2.91
C THR A 46 0.44 -22.13 -2.38
N GLN A 47 1.40 -21.88 -3.26
CA GLN A 47 2.60 -21.11 -2.92
C GLN A 47 2.60 -19.82 -3.73
N TRP A 48 2.63 -18.70 -3.02
CA TRP A 48 2.60 -17.38 -3.66
C TRP A 48 3.69 -16.43 -3.23
N ARG A 49 4.07 -15.56 -4.15
CA ARG A 49 4.91 -14.43 -3.82
C ARG A 49 4.19 -13.35 -4.60
N ASN A 50 3.64 -12.39 -3.87
CA ASN A 50 2.93 -11.26 -4.45
C ASN A 50 3.73 -10.05 -3.99
N ARG A 51 4.41 -9.39 -4.93
CA ARG A 51 5.28 -8.26 -4.60
C ARG A 51 6.34 -8.80 -3.63
N ALA A 52 6.46 -8.21 -2.45
CA ALA A 52 7.45 -8.69 -1.49
C ALA A 52 6.82 -9.53 -0.38
N GLU A 53 5.60 -10.01 -0.63
CA GLU A 53 4.86 -10.80 0.35
C GLU A 53 4.69 -12.26 -0.10
N PHE A 54 4.77 -13.18 0.85
CA PHE A 54 4.62 -14.60 0.56
C PHE A 54 3.40 -15.20 1.26
N ALA A 55 2.82 -16.22 0.63
CA ALA A 55 1.66 -16.95 1.15
C ALA A 55 2.00 -18.41 0.92
N HIS A 56 1.68 -19.27 1.87
CA HIS A 56 2.02 -20.68 1.73
C HIS A 56 0.87 -21.68 1.72
N ASN A 57 -0.35 -21.16 1.70
CA ASN A 57 -1.53 -22.00 1.62
C ASN A 57 -2.72 -21.15 1.20
N ARG A 58 -3.84 -21.79 0.90
CA ARG A 58 -5.01 -21.05 0.46
C ARG A 58 -5.52 -20.05 1.49
N GLU A 59 -5.46 -20.41 2.76
CA GLU A 59 -5.91 -19.51 3.83
C GLU A 59 -5.10 -18.22 3.87
N GLU A 60 -3.78 -18.34 3.73
CA GLU A 60 -2.92 -17.16 3.75
C GLU A 60 -3.20 -16.33 2.51
N ALA A 61 -3.46 -17.00 1.38
CA ALA A 61 -3.76 -16.29 0.15
C ALA A 61 -5.07 -15.51 0.36
N LYS A 62 -6.06 -16.16 0.95
CA LYS A 62 -7.34 -15.51 1.20
C LYS A 62 -7.18 -14.31 2.14
N ALA A 63 -6.32 -14.44 3.15
CA ALA A 63 -6.09 -13.35 4.09
C ALA A 63 -5.48 -12.16 3.34
N PHE A 64 -4.56 -12.46 2.43
CA PHE A 64 -3.92 -11.43 1.62
C PHE A 64 -4.96 -10.69 0.78
N LEU A 65 -5.87 -11.45 0.15
CA LEU A 65 -6.90 -10.84 -0.68
C LEU A 65 -7.84 -9.96 0.15
N THR A 66 -8.11 -10.38 1.38
CA THR A 66 -8.98 -9.61 2.26
C THR A 66 -8.33 -8.26 2.56
N ARG A 67 -7.02 -8.26 2.81
CA ARG A 67 -6.31 -7.02 3.07
C ARG A 67 -6.28 -6.19 1.79
N LYS A 68 -6.04 -6.85 0.67
CA LYS A 68 -5.94 -6.20 -0.63
C LYS A 68 -7.14 -5.33 -0.96
N TRP A 69 -8.34 -5.90 -0.91
CA TRP A 69 -9.51 -5.12 -1.27
C TRP A 69 -10.10 -4.25 -0.16
N ALA A 70 -9.42 -4.22 0.98
CA ALA A 70 -9.84 -3.33 2.06
C ALA A 70 -9.02 -2.06 1.81
N LYS A 71 -7.95 -2.21 1.03
CA LYS A 71 -7.02 -1.12 0.71
C LYS A 71 -7.19 -0.55 -0.70
N GLU A 72 -7.29 -1.43 -1.68
CA GLU A 72 -7.44 -1.01 -3.08
C GLU A 72 -8.92 -0.84 -3.39
N LEU A 73 -9.38 0.40 -3.25
CA LEU A 73 -10.78 0.75 -3.46
C LEU A 73 -11.15 0.98 -4.93
N ASP A 74 -12.38 0.61 -5.29
CA ASP A 74 -12.87 0.75 -6.67
C ASP A 74 -11.93 0.08 -7.67
N TYR A 75 -11.49 -1.11 -7.30
CA TYR A 75 -10.58 -1.92 -8.09
C TYR A 75 -11.19 -2.48 -9.37
N ARG A 76 -10.51 -2.24 -10.49
CA ARG A 76 -10.91 -2.73 -11.82
C ARG A 76 -9.66 -3.33 -12.47
N LEU A 77 -9.79 -4.57 -12.95
CA LEU A 77 -8.68 -5.31 -13.53
C LEU A 77 -8.84 -5.82 -14.96
N ILE A 78 -7.73 -5.88 -15.68
CA ILE A 78 -7.69 -6.43 -17.04
C ILE A 78 -6.42 -7.27 -17.15
N LYS A 79 -6.60 -8.55 -17.49
CA LYS A 79 -5.50 -9.50 -17.67
C LYS A 79 -5.38 -9.85 -19.15
N GLU A 80 -4.18 -10.25 -19.58
CA GLU A 80 -3.96 -10.63 -20.96
C GLU A 80 -2.82 -11.64 -21.08
N LEU A 81 -2.98 -12.59 -22.00
CA LEU A 81 -1.97 -13.61 -22.23
C LEU A 81 -0.69 -13.02 -22.80
N TRP A 82 0.45 -13.56 -22.36
CA TRP A 82 1.73 -13.17 -22.92
C TRP A 82 2.28 -14.41 -23.63
N ALA A 83 2.43 -15.48 -22.86
CA ALA A 83 2.93 -16.74 -23.38
C ALA A 83 2.45 -17.89 -22.50
N PHE A 84 2.53 -19.12 -23.02
CA PHE A 84 2.10 -20.27 -22.26
C PHE A 84 2.91 -21.49 -22.70
N THR A 85 3.11 -22.41 -21.76
CA THR A 85 3.85 -23.63 -22.06
C THR A 85 3.39 -24.71 -21.10
N ASP A 86 2.82 -25.77 -21.65
CA ASP A 86 2.34 -26.88 -20.86
C ASP A 86 1.35 -26.40 -19.79
N ASN A 87 1.68 -26.60 -18.52
CA ASN A 87 0.81 -26.19 -17.43
C ASN A 87 1.11 -24.81 -16.86
N ARG A 88 1.93 -24.05 -17.59
CA ARG A 88 2.29 -22.70 -17.15
C ARG A 88 1.75 -21.61 -18.06
N ILE A 89 1.35 -20.50 -17.46
CA ILE A 89 0.87 -19.37 -18.22
C ILE A 89 1.57 -18.11 -17.70
N ALA A 90 1.93 -17.22 -18.62
CA ALA A 90 2.58 -15.96 -18.30
C ALA A 90 1.54 -14.90 -18.66
N VAL A 91 1.16 -14.09 -17.68
CA VAL A 91 0.13 -13.08 -17.84
C VAL A 91 0.57 -11.64 -17.56
N ARG A 92 0.08 -10.71 -18.38
CA ARG A 92 0.35 -9.29 -18.20
C ARG A 92 -0.98 -8.71 -17.73
N TYR A 93 -0.94 -7.68 -16.89
CA TYR A 93 -2.18 -7.10 -16.43
C TYR A 93 -2.01 -5.69 -15.89
N ALA A 94 -3.15 -5.05 -15.65
CA ALA A 94 -3.17 -3.71 -15.09
C ALA A 94 -4.48 -3.55 -14.34
N TYR A 95 -4.43 -2.84 -13.23
CA TYR A 95 -5.62 -2.57 -12.47
C TYR A 95 -5.59 -1.13 -11.96
N GLU A 96 -6.74 -0.48 -12.02
CA GLU A 96 -6.84 0.89 -11.55
C GLU A 96 -7.60 0.87 -10.23
N TRP A 97 -7.24 1.80 -9.36
CA TRP A 97 -7.84 1.86 -8.04
C TRP A 97 -7.41 3.16 -7.38
N HIS A 98 -7.95 3.42 -6.18
CA HIS A 98 -7.56 4.59 -5.42
C HIS A 98 -7.50 4.22 -3.96
N ASP A 99 -6.70 4.95 -3.19
CA ASP A 99 -6.61 4.68 -1.76
C ASP A 99 -7.61 5.58 -1.06
N ASP A 100 -7.67 5.49 0.27
CA ASP A 100 -8.62 6.33 0.99
C ASP A 100 -8.13 7.73 1.31
N SER A 101 -7.15 8.19 0.54
CA SER A 101 -6.63 9.55 0.69
C SER A 101 -6.92 10.26 -0.64
N GLY A 102 -7.61 9.56 -1.54
CA GLY A 102 -7.97 10.15 -2.82
C GLY A 102 -6.95 9.98 -3.93
N ASN A 103 -5.89 9.24 -3.69
CA ASN A 103 -4.87 9.02 -4.70
C ASN A 103 -5.24 7.87 -5.63
N TRP A 104 -5.32 8.16 -6.92
CA TRP A 104 -5.61 7.12 -7.90
C TRP A 104 -4.31 6.53 -8.41
N PHE A 105 -4.33 5.26 -8.76
CA PHE A 105 -3.16 4.59 -9.30
C PHE A 105 -3.53 3.63 -10.41
N ARG A 106 -2.57 3.37 -11.28
CA ARG A 106 -2.76 2.33 -12.28
C ARG A 106 -1.59 1.43 -11.93
N SER A 107 -1.90 0.18 -11.62
CA SER A 107 -0.86 -0.77 -11.25
C SER A 107 -0.62 -1.69 -12.43
N TYR A 108 0.64 -1.88 -12.76
CA TYR A 108 1.04 -2.75 -13.87
C TYR A 108 1.64 -4.01 -13.29
N GLY A 109 1.14 -5.16 -13.76
CA GLY A 109 1.66 -6.41 -13.25
C GLY A 109 2.00 -7.46 -14.28
N ASN A 110 2.85 -8.39 -13.86
CA ASN A 110 3.28 -9.53 -14.64
C ASN A 110 3.15 -10.66 -13.63
N GLU A 111 2.28 -11.63 -13.92
CA GLU A 111 2.10 -12.76 -13.02
C GLU A 111 2.30 -14.06 -13.80
N ASN A 112 3.03 -14.98 -13.20
CA ASN A 112 3.32 -16.26 -13.81
C ASN A 112 2.63 -17.35 -13.00
N TRP A 113 1.85 -18.16 -13.70
CA TRP A 113 1.04 -19.20 -13.09
C TRP A 113 1.45 -20.63 -13.44
N GLU A 114 1.30 -21.53 -12.47
CA GLU A 114 1.59 -22.94 -12.68
C GLU A 114 0.41 -23.72 -12.10
N PHE A 115 -0.24 -24.52 -12.94
CA PHE A 115 -1.42 -25.29 -12.53
C PHE A 115 -1.22 -26.79 -12.35
N ASP A 116 -2.00 -27.37 -11.43
CA ASP A 116 -1.92 -28.80 -11.22
C ASP A 116 -2.86 -29.45 -12.23
N GLU A 117 -2.94 -30.78 -12.22
CA GLU A 117 -3.78 -31.49 -13.17
C GLU A 117 -5.27 -31.14 -13.13
N GLN A 118 -5.76 -30.70 -11.98
CA GLN A 118 -7.17 -30.35 -11.83
C GLN A 118 -7.50 -28.90 -12.14
N GLY A 119 -6.54 -28.17 -12.69
CA GLY A 119 -6.77 -26.78 -13.03
C GLY A 119 -6.63 -25.78 -11.89
N LEU A 120 -6.21 -26.24 -10.72
CA LEU A 120 -6.03 -25.34 -9.57
C LEU A 120 -4.62 -24.79 -9.64
N ALA A 122 -1.15 -23.98 -8.38
CA ALA A 122 -0.24 -24.41 -7.32
C ALA A 122 0.82 -23.36 -6.98
N ARG A 123 1.21 -22.57 -7.97
CA ARG A 123 2.21 -21.53 -7.76
C ARG A 123 1.82 -20.25 -8.46
N ARG A 124 1.96 -19.13 -7.75
CA ARG A 124 1.65 -17.81 -8.29
C ARG A 124 2.78 -16.85 -7.96
N PHE A 125 3.42 -16.31 -8.99
CA PHE A 125 4.51 -15.36 -8.81
C PHE A 125 4.06 -14.06 -9.47
N ALA A 126 3.73 -13.05 -8.65
CA ALA A 126 3.26 -11.79 -9.20
C ALA A 126 4.15 -10.63 -8.80
N CYS A 127 4.49 -9.81 -9.79
CA CYS A 127 5.31 -8.63 -9.57
C CYS A 127 4.45 -7.48 -10.07
N ILE A 128 4.33 -6.44 -9.26
CA ILE A 128 3.46 -5.31 -9.60
C ILE A 128 4.08 -3.97 -9.25
N ASN A 129 3.91 -2.99 -10.13
CA ASN A 129 4.41 -1.65 -9.87
C ASN A 129 3.28 -0.66 -10.02
N ASP A 130 3.35 0.40 -9.24
CA ASP A 130 2.29 1.39 -9.20
C ASP A 130 2.64 2.77 -9.73
N PRO A 132 1.15 6.64 -10.05
CA PRO A 132 0.12 7.58 -9.61
C PRO A 132 -0.50 8.22 -10.85
N ILE A 133 -1.82 8.35 -10.86
CA ILE A 133 -2.52 8.97 -11.99
C ILE A 133 -3.59 9.91 -11.48
N LYS A 134 -4.01 10.83 -12.33
CA LYS A 134 -5.08 11.74 -11.97
C LYS A 134 -6.36 10.99 -12.33
N ALA A 135 -7.46 11.28 -11.64
CA ALA A 135 -8.72 10.61 -11.92
C ALA A 135 -9.10 10.71 -13.40
N GLN A 136 -8.76 11.83 -14.03
CA GLN A 136 -9.08 12.02 -15.44
C GLN A 136 -8.30 11.10 -16.37
N GLU A 137 -7.26 10.46 -15.86
CA GLU A 137 -6.43 9.55 -16.64
C GLU A 137 -6.96 8.12 -16.61
N ARG A 138 -7.97 7.86 -15.79
CA ARG A 138 -8.54 6.53 -15.67
C ARG A 138 -9.03 5.99 -17.02
N LYS A 139 -8.75 4.72 -17.28
CA LYS A 139 -9.17 4.10 -18.52
C LYS A 139 -10.26 3.03 -18.30
N PHE A 140 -10.40 2.57 -17.06
CA PHE A 140 -11.40 1.54 -16.74
C PHE A 140 -12.62 2.16 -16.05
N HIS A 141 -13.79 2.05 -16.67
CA HIS A 141 -15.00 2.66 -16.12
C HIS A 141 -16.27 1.80 -15.99
N TRP A 142 -16.16 0.50 -16.26
CA TRP A 142 -17.33 -0.38 -16.17
C TRP A 142 -17.83 -0.57 -14.75
N PRO A 143 -19.12 -0.94 -14.59
CA PRO A 143 -19.65 -1.14 -13.23
C PRO A 143 -18.81 -2.19 -12.52
N LEU A 144 -18.38 -1.90 -11.29
CA LEU A 144 -17.55 -2.84 -10.54
C LEU A 144 -18.03 -4.26 -10.69
N GLY A 145 -17.11 -5.13 -11.11
CA GLY A 145 -17.43 -6.52 -11.33
C GLY A 145 -16.79 -6.96 -12.63
N ARG A 146 -17.34 -7.99 -13.26
CA ARG A 146 -16.79 -8.50 -14.52
C ARG A 146 -16.70 -7.46 -15.64
N ARG A 147 -15.58 -7.45 -16.34
CA ARG A 147 -15.38 -6.53 -17.45
C ARG A 147 -16.29 -6.97 -18.61
N PRO A 148 -17.07 -6.04 -19.18
CA PRO A 148 -17.97 -6.39 -20.28
C PRO A 148 -17.19 -7.02 -21.45
N ASP A 149 -17.81 -7.96 -22.14
CA ASP A 149 -17.15 -8.61 -23.27
C ASP A 149 -16.81 -7.60 -24.35
N ASP A 150 -17.59 -6.52 -24.42
CA ASP A 150 -17.36 -5.49 -25.43
C ASP A 150 -16.27 -4.50 -25.00
N HIS A 151 -15.75 -4.66 -23.79
CA HIS A 151 -14.72 -3.74 -23.33
C HIS A 151 -13.34 -4.15 -23.84
N PRO A 152 -12.58 -3.18 -24.37
CA PRO A 152 -11.23 -3.45 -24.89
C PRO A 152 -10.30 -4.02 -23.85
N GLY A 153 -9.38 -4.89 -24.29
CA GLY A 153 -8.43 -5.49 -23.39
C GLY A 153 -7.14 -4.70 -23.40
N LEU A 154 -6.11 -5.23 -22.76
CA LEU A 154 -4.83 -4.56 -22.69
C LEU A 154 -4.32 -4.17 -24.08
N SER A 155 -4.41 -5.09 -25.04
CA SER A 155 -3.95 -4.85 -26.40
C SER A 155 -4.73 -3.75 -27.12
N GLU A 156 -6.04 -3.72 -26.94
CA GLU A 156 -6.87 -2.72 -27.61
C GLU A 156 -6.74 -1.33 -27.01
N LEU A 157 -6.32 -1.25 -25.75
CA LEU A 157 -6.14 0.04 -25.09
C LEU A 157 -4.79 0.61 -25.47
N GLY A 158 -3.86 -0.26 -25.81
CA GLY A 158 -2.52 0.17 -26.19
C GLY A 158 -1.69 0.51 -24.97
N LEU A 159 -0.45 0.94 -25.20
CA LEU A 159 0.44 1.30 -24.10
C LEU A 159 -0.24 2.34 -23.24
N GLU A 160 -0.30 2.07 -21.93
CA GLU A 160 -0.93 2.98 -21.00
C GLU A 160 0.06 3.79 -20.17
N HIS A 161 0.23 5.06 -20.53
CA HIS A 161 1.14 5.94 -19.81
C HIS A 161 0.62 7.37 -19.87
N HIS A 162 1.17 8.23 -19.03
CA HIS A 162 0.75 9.63 -18.98
C HIS A 162 0.78 10.26 -20.37
N ALA B 5 22.31 -2.75 -33.23
CA ALA B 5 22.97 -4.02 -33.66
C ALA B 5 22.35 -4.50 -34.97
N GLN B 6 22.73 -5.71 -35.39
CA GLN B 6 22.20 -6.26 -36.63
C GLN B 6 21.45 -7.57 -36.37
N VAL B 7 22.16 -8.54 -35.83
CA VAL B 7 21.58 -9.84 -35.53
C VAL B 7 22.22 -10.42 -34.28
N ARG B 8 21.38 -10.94 -33.40
CA ARG B 8 21.85 -11.53 -32.15
C ARG B 8 21.10 -12.82 -31.88
N PRO B 9 21.73 -13.97 -32.20
CA PRO B 9 21.09 -15.27 -31.97
C PRO B 9 21.08 -15.60 -30.48
N PRO B 10 20.19 -16.51 -30.05
CA PRO B 10 19.20 -17.24 -30.85
C PRO B 10 18.13 -16.36 -31.46
N LEU B 11 17.57 -16.82 -32.57
CA LEU B 11 16.52 -16.10 -33.27
C LEU B 11 15.19 -16.82 -33.11
N PRO B 12 14.08 -16.07 -33.14
CA PRO B 12 12.77 -16.70 -32.99
C PRO B 12 12.40 -17.39 -34.30
N PRO B 13 11.48 -18.37 -34.26
CA PRO B 13 10.77 -18.85 -33.07
C PRO B 13 11.69 -19.69 -32.18
N PHE B 14 11.52 -19.56 -30.88
CA PHE B 14 12.35 -20.28 -29.93
C PHE B 14 11.91 -21.70 -29.62
N THR B 15 12.87 -22.51 -29.19
CA THR B 15 12.62 -23.88 -28.77
C THR B 15 12.93 -23.76 -27.29
N ARG B 16 12.71 -24.81 -26.51
CA ARG B 16 13.01 -24.72 -25.08
C ARG B 16 14.49 -24.42 -24.88
N GLU B 17 15.35 -25.17 -25.55
CA GLU B 17 16.78 -24.97 -25.42
C GLU B 17 17.24 -23.59 -25.86
N SER B 18 16.77 -23.12 -27.01
CA SER B 18 17.20 -21.81 -27.48
C SER B 18 16.64 -20.68 -26.61
N ALA B 19 15.46 -20.89 -26.02
CA ALA B 19 14.88 -19.89 -25.15
C ALA B 19 15.75 -19.79 -23.89
N ILE B 20 16.11 -20.93 -23.34
CA ILE B 20 16.96 -20.98 -22.16
C ILE B 20 18.31 -20.32 -22.45
N GLU B 21 18.84 -20.53 -23.66
CA GLU B 21 20.11 -19.90 -24.03
C GLU B 21 19.91 -18.39 -24.14
N LYS B 22 18.82 -17.98 -24.77
CA LYS B 22 18.51 -16.56 -24.92
C LYS B 22 18.51 -15.88 -23.55
N ILE B 23 17.89 -16.54 -22.58
CA ILE B 23 17.80 -16.03 -21.21
C ILE B 23 19.17 -15.96 -20.53
N ARG B 24 20.00 -17.00 -20.70
CA ARG B 24 21.32 -17.00 -20.08
C ARG B 24 22.19 -15.89 -20.64
N LEU B 25 22.12 -15.67 -21.96
CA LEU B 25 22.92 -14.61 -22.57
C LEU B 25 22.48 -13.26 -22.04
N ALA B 26 21.17 -13.08 -21.87
CA ALA B 26 20.64 -11.83 -21.34
C ALA B 26 21.12 -11.64 -19.92
N GLU B 27 21.06 -12.71 -19.13
CA GLU B 27 21.51 -12.66 -17.74
C GLU B 27 22.96 -12.22 -17.69
N ASP B 28 23.81 -12.86 -18.50
CA ASP B 28 25.22 -12.50 -18.51
C ASP B 28 25.40 -11.02 -18.84
N GLY B 29 24.62 -10.53 -19.81
CA GLY B 29 24.69 -9.14 -20.20
C GLY B 29 24.39 -8.20 -19.05
N TRP B 30 23.26 -8.41 -18.37
CA TRP B 30 22.91 -7.55 -17.25
C TRP B 30 23.89 -7.68 -16.08
N ASN B 31 24.48 -8.85 -15.90
CA ASN B 31 25.44 -9.03 -14.81
C ASN B 31 26.74 -8.28 -15.06
N SER B 32 26.84 -7.64 -16.22
CA SER B 32 28.02 -6.86 -16.55
C SER B 32 27.80 -5.43 -16.05
N ARG B 33 26.55 -5.11 -15.75
CA ARG B 33 26.16 -3.78 -15.29
C ARG B 33 26.72 -2.69 -16.20
N ASP B 34 26.77 -2.98 -17.49
CA ASP B 34 27.28 -2.05 -18.49
C ASP B 34 26.12 -1.60 -19.38
N PRO B 35 25.61 -0.38 -19.16
CA PRO B 35 24.50 0.16 -19.96
C PRO B 35 24.66 0.00 -21.47
N GLU B 36 25.82 0.37 -21.98
CA GLU B 36 26.08 0.26 -23.41
C GLU B 36 25.94 -1.18 -23.90
N ARG B 37 26.66 -2.09 -23.28
CA ARG B 37 26.62 -3.49 -23.68
C ARG B 37 25.19 -4.04 -23.64
N VAL B 38 24.50 -3.81 -22.53
CA VAL B 38 23.13 -4.31 -22.38
C VAL B 38 22.19 -3.73 -23.43
N SER B 39 22.32 -2.44 -23.71
CA SER B 39 21.44 -1.77 -24.67
C SER B 39 21.47 -2.35 -26.08
N LEU B 40 22.61 -2.91 -26.48
CA LEU B 40 22.76 -3.46 -27.82
C LEU B 40 21.85 -4.65 -28.14
N ALA B 41 21.29 -5.26 -27.12
CA ALA B 41 20.42 -6.42 -27.31
C ALA B 41 19.00 -6.00 -27.66
N TYR B 42 18.75 -4.70 -27.64
CA TYR B 42 17.42 -4.15 -27.91
C TYR B 42 17.37 -3.39 -29.23
N THR B 43 16.19 -3.40 -29.86
CA THR B 43 16.01 -2.69 -31.13
C THR B 43 16.25 -1.20 -30.93
N LEU B 44 16.58 -0.50 -32.02
CA LEU B 44 16.83 0.92 -31.95
C LEU B 44 15.61 1.67 -31.41
N ASP B 45 14.43 1.18 -31.76
CA ASP B 45 13.17 1.79 -31.31
C ASP B 45 12.46 0.86 -30.34
N THR B 46 13.23 0.24 -29.45
CA THR B 46 12.67 -0.68 -28.46
C THR B 46 11.68 0.03 -27.55
N GLN B 47 10.61 -0.67 -27.17
CA GLN B 47 9.60 -0.10 -26.28
C GLN B 47 9.67 -0.84 -24.95
N TRP B 48 9.87 -0.07 -23.87
CA TRP B 48 10.01 -0.62 -22.53
C TRP B 48 9.08 -0.05 -21.48
N ARG B 49 8.69 -0.90 -20.54
CA ARG B 49 7.98 -0.44 -19.37
C ARG B 49 8.73 -1.19 -18.28
N ASN B 50 9.48 -0.44 -17.48
CA ASN B 50 10.24 -1.01 -16.38
C ASN B 50 9.59 -0.39 -15.16
N ARG B 51 8.88 -1.22 -14.40
CA ARG B 51 8.12 -0.77 -13.23
C ARG B 51 7.11 0.26 -13.74
N ALA B 52 7.17 1.49 -13.24
CA ALA B 52 6.21 2.51 -13.69
C ALA B 52 6.87 3.53 -14.61
N GLU B 53 7.99 3.14 -15.21
CA GLU B 53 8.75 4.00 -16.11
C GLU B 53 8.73 3.42 -17.52
N PHE B 54 8.78 4.28 -18.54
CA PHE B 54 8.75 3.82 -19.92
C PHE B 54 9.96 4.32 -20.73
N ALA B 55 10.33 3.55 -21.75
CA ALA B 55 11.43 3.89 -22.64
C ALA B 55 10.91 3.64 -24.05
N HIS B 56 11.21 4.53 -24.99
CA HIS B 56 10.71 4.38 -26.35
C HIS B 56 11.76 4.16 -27.44
N ASN B 57 13.02 4.02 -27.02
CA ASN B 57 14.10 3.75 -27.95
C ASN B 57 15.31 3.25 -27.18
N ARG B 58 16.30 2.71 -27.89
CA ARG B 58 17.49 2.18 -27.25
C ARG B 58 18.22 3.22 -26.41
N GLU B 59 18.23 4.46 -26.88
CA GLU B 59 18.91 5.53 -26.16
C GLU B 59 18.27 5.76 -24.79
N GLU B 60 16.95 5.81 -24.74
CA GLU B 60 16.26 6.02 -23.46
C GLU B 60 16.45 4.80 -22.57
N ALA B 61 16.57 3.63 -23.19
CA ALA B 61 16.78 2.40 -22.44
C ALA B 61 18.13 2.46 -21.75
N LYS B 62 19.15 2.88 -22.51
CA LYS B 62 20.49 3.00 -21.96
C LYS B 62 20.54 4.02 -20.83
N ALA B 63 19.80 5.12 -20.99
CA ALA B 63 19.77 6.16 -19.96
C ALA B 63 19.22 5.57 -18.67
N PHE B 64 18.18 4.75 -18.79
CA PHE B 64 17.58 4.11 -17.62
C PHE B 64 18.60 3.20 -16.95
N LEU B 65 19.30 2.41 -17.75
CA LEU B 65 20.31 1.49 -17.23
C LEU B 65 21.41 2.23 -16.48
N THR B 66 21.78 3.40 -16.97
CA THR B 66 22.82 4.18 -16.32
C THR B 66 22.33 4.61 -14.93
N ARG B 67 21.08 5.05 -14.86
CA ARG B 67 20.51 5.47 -13.57
C ARG B 67 20.39 4.26 -12.64
N LYS B 68 19.95 3.15 -13.22
CA LYS B 68 19.76 1.90 -12.48
C LYS B 68 20.98 1.48 -11.66
N TRP B 69 22.12 1.32 -12.32
CA TRP B 69 23.32 0.88 -11.63
C TRP B 69 24.06 1.95 -10.86
N ALA B 70 23.49 3.16 -10.83
CA ALA B 70 24.09 4.24 -10.06
C ALA B 70 23.35 4.17 -8.72
N LYS B 71 22.26 3.41 -8.72
CA LYS B 71 21.40 3.20 -7.56
C LYS B 71 21.57 1.80 -6.95
N GLU B 72 21.55 0.78 -7.80
CA GLU B 72 21.68 -0.61 -7.36
C GLU B 72 23.13 -1.08 -7.43
N LEU B 73 23.81 -1.04 -6.29
CA LEU B 73 25.22 -1.39 -6.18
C LEU B 73 25.49 -2.87 -5.89
N ASP B 74 26.62 -3.37 -6.39
CA ASP B 74 27.00 -4.76 -6.20
C ASP B 74 25.86 -5.67 -6.67
N TYR B 75 25.33 -5.33 -7.83
CA TYR B 75 24.23 -6.03 -8.47
C TYR B 75 24.57 -7.43 -9.00
N ARG B 76 23.80 -8.42 -8.53
CA ARG B 76 23.97 -9.81 -8.96
C ARG B 76 22.60 -10.36 -9.34
N LEU B 77 22.49 -10.82 -10.59
CA LEU B 77 21.24 -11.31 -11.16
C LEU B 77 21.17 -12.77 -11.58
N ILE B 78 19.98 -13.33 -11.47
CA ILE B 78 19.71 -14.70 -11.91
C ILE B 78 18.37 -14.69 -12.63
N LYS B 79 18.37 -15.12 -13.88
CA LYS B 79 17.14 -15.19 -14.68
C LYS B 79 16.79 -16.66 -14.88
N GLU B 80 15.50 -16.94 -15.08
CA GLU B 80 15.07 -18.31 -15.30
C GLU B 80 13.81 -18.35 -16.16
N LEU B 81 13.76 -19.29 -17.09
CA LEU B 81 12.62 -19.45 -17.97
C LEU B 81 11.32 -19.80 -17.24
N TRP B 82 10.22 -19.17 -17.65
CA TRP B 82 8.92 -19.53 -17.10
C TRP B 82 8.19 -20.23 -18.24
N ALA B 83 8.04 -19.52 -19.34
CA ALA B 83 7.34 -20.06 -20.51
C ALA B 83 7.78 -19.33 -21.77
N PHE B 84 7.52 -19.93 -22.93
CA PHE B 84 7.89 -19.29 -24.19
C PHE B 84 6.89 -19.70 -25.27
N THR B 85 6.71 -18.81 -26.24
CA THR B 85 5.77 -19.07 -27.33
C THR B 85 6.18 -18.21 -28.53
N ASP B 86 6.56 -18.88 -29.60
CA ASP B 86 6.97 -18.21 -30.83
C ASP B 86 8.14 -17.26 -30.60
N ASN B 87 7.90 -15.95 -30.69
CA ASN B 87 8.96 -14.97 -30.50
C ASN B 87 8.88 -14.31 -29.13
N ARG B 88 8.08 -14.89 -28.24
CA ARG B 88 7.92 -14.36 -26.89
C ARG B 88 8.49 -15.28 -25.82
N ILE B 89 9.07 -14.69 -24.79
CA ILE B 89 9.61 -15.46 -23.68
C ILE B 89 9.17 -14.78 -22.39
N ALA B 90 8.76 -15.58 -21.41
CA ALA B 90 8.35 -15.07 -20.10
C ALA B 90 9.45 -15.53 -19.16
N VAL B 91 10.05 -14.58 -18.45
CA VAL B 91 11.16 -14.86 -17.55
C VAL B 91 10.92 -14.42 -16.11
N ARG B 92 11.36 -15.24 -15.17
CA ARG B 92 11.29 -14.91 -13.75
C ARG B 92 12.72 -14.62 -13.34
N TYR B 93 12.92 -13.69 -12.43
CA TYR B 93 14.27 -13.38 -12.00
C TYR B 93 14.33 -12.75 -10.63
N ALA B 94 15.56 -12.61 -10.14
CA ALA B 94 15.79 -11.98 -8.86
C ALA B 94 17.20 -11.44 -8.86
N TYR B 95 17.42 -10.35 -8.15
CA TYR B 95 18.76 -9.79 -8.07
C TYR B 95 18.96 -9.16 -6.70
N GLU B 96 20.19 -9.26 -6.20
CA GLU B 96 20.52 -8.70 -4.90
C GLU B 96 21.44 -7.52 -5.09
N TRP B 97 21.25 -6.49 -4.26
CA TRP B 97 22.03 -5.27 -4.36
C TRP B 97 21.90 -4.47 -3.07
N HIS B 98 22.74 -3.45 -2.92
CA HIS B 98 22.67 -2.58 -1.76
C HIS B 98 22.62 -1.15 -2.27
N ASP B 99 21.97 -0.28 -1.52
CA ASP B 99 21.86 1.11 -1.95
C ASP B 99 23.04 1.95 -1.49
N ASP B 100 23.01 3.23 -1.85
CA ASP B 100 24.07 4.16 -1.49
C ASP B 100 24.25 4.14 0.03
N SER B 101 23.15 3.90 0.72
CA SER B 101 23.18 3.87 2.18
C SER B 101 23.85 2.61 2.73
N GLY B 102 23.99 1.59 1.90
CA GLY B 102 24.63 0.36 2.36
C GLY B 102 23.65 -0.72 2.80
N ASN B 103 22.36 -0.47 2.60
CA ASN B 103 21.33 -1.42 2.97
C ASN B 103 21.04 -2.38 1.81
N TRP B 104 20.85 -3.65 2.13
CA TRP B 104 20.60 -4.67 1.12
C TRP B 104 19.15 -4.95 0.79
N PHE B 105 18.94 -5.43 -0.43
CA PHE B 105 17.62 -5.76 -0.94
C PHE B 105 17.73 -6.95 -1.88
N ARG B 106 16.62 -7.66 -2.02
CA ARG B 106 16.53 -8.72 -3.00
C ARG B 106 15.33 -8.25 -3.80
N SER B 107 15.51 -8.13 -5.11
CA SER B 107 14.43 -7.69 -5.96
C SER B 107 13.93 -8.90 -6.73
N TYR B 108 12.61 -9.07 -6.74
CA TYR B 108 11.97 -10.17 -7.44
C TYR B 108 11.30 -9.59 -8.67
N GLY B 109 11.55 -10.21 -9.83
CA GLY B 109 10.95 -9.68 -11.03
C GLY B 109 10.40 -10.70 -12.00
N ASN B 110 9.50 -10.21 -12.85
CA ASN B 110 8.90 -11.00 -13.92
C ASN B 110 9.04 -10.10 -15.13
N GLU B 111 9.71 -10.58 -16.16
CA GLU B 111 9.85 -9.77 -17.36
C GLU B 111 9.37 -10.56 -18.57
N ASN B 112 8.62 -9.89 -19.43
CA ASN B 112 8.08 -10.50 -20.63
C ASN B 112 8.74 -9.86 -21.84
N TRP B 113 9.33 -10.71 -22.66
CA TRP B 113 10.09 -10.28 -23.84
C TRP B 113 9.48 -10.66 -25.18
N GLU B 114 9.72 -9.82 -26.18
CA GLU B 114 9.26 -10.08 -27.54
C GLU B 114 10.39 -9.68 -28.49
N PHE B 115 10.83 -10.61 -29.32
CA PHE B 115 11.94 -10.37 -30.23
C PHE B 115 11.58 -10.28 -31.71
N ASP B 116 12.37 -9.51 -32.46
CA ASP B 116 12.16 -9.39 -33.90
C ASP B 116 12.92 -10.52 -34.56
N GLU B 117 12.86 -10.59 -35.89
CA GLU B 117 13.54 -11.66 -36.61
C GLU B 117 15.06 -11.64 -36.50
N GLN B 118 15.61 -10.49 -36.13
CA GLN B 118 17.06 -10.35 -35.98
C GLN B 118 17.53 -10.76 -34.59
N GLY B 119 16.62 -11.17 -33.74
CA GLY B 119 16.99 -11.57 -32.39
C GLY B 119 17.08 -10.44 -31.40
N LEU B 120 16.79 -9.21 -31.83
CA LEU B 120 16.83 -8.05 -30.94
C LEU B 120 15.47 -7.92 -30.26
N ALA B 122 12.27 -6.13 -29.20
CA ALA B 122 11.45 -4.99 -29.60
C ALA B 122 10.58 -4.48 -28.47
N ARG B 123 10.15 -5.38 -27.57
CA ARG B 123 9.30 -5.01 -26.44
C ARG B 123 9.75 -5.70 -25.17
N ARG B 124 9.80 -4.93 -24.08
CA ARG B 124 10.18 -5.46 -22.78
C ARG B 124 9.21 -4.91 -21.73
N PHE B 125 8.52 -5.81 -21.05
CA PHE B 125 7.58 -5.43 -20.01
C PHE B 125 8.10 -6.04 -18.72
N ALA B 126 8.64 -5.20 -17.83
CA ALA B 126 9.19 -5.73 -16.59
C ALA B 126 8.57 -5.13 -15.33
N CYS B 127 8.24 -6.01 -14.40
CA CYS B 127 7.66 -5.61 -13.11
C CYS B 127 8.62 -6.19 -12.08
N ILE B 128 9.02 -5.35 -11.12
CA ILE B 128 9.98 -5.76 -10.10
C ILE B 128 9.61 -5.20 -8.74
N ASN B 129 9.74 -6.02 -7.69
CA ASN B 129 9.44 -5.57 -6.35
C ASN B 129 10.69 -5.75 -5.48
N ASP B 130 10.97 -4.76 -4.65
CA ASP B 130 12.15 -4.79 -3.79
C ASP B 130 11.81 -5.19 -2.36
N PRO B 132 13.52 -5.63 1.48
CA PRO B 132 14.73 -5.42 2.29
C PRO B 132 15.21 -6.75 2.86
N ILE B 133 16.51 -6.93 2.98
CA ILE B 133 17.09 -8.14 3.56
C ILE B 133 18.31 -7.75 4.37
N LYS B 134 18.70 -8.61 5.30
CA LYS B 134 19.89 -8.35 6.09
C LYS B 134 21.05 -8.83 5.24
N ALA B 135 22.22 -8.23 5.45
CA ALA B 135 23.41 -8.59 4.70
C ALA B 135 23.68 -10.09 4.73
N GLN B 136 23.51 -10.73 5.88
CA GLN B 136 23.77 -12.15 5.97
C GLN B 136 22.74 -13.03 5.26
N GLU B 137 21.69 -12.42 4.72
CA GLU B 137 20.66 -13.16 4.01
C GLU B 137 20.90 -13.27 2.50
N ARG B 138 21.97 -12.66 2.02
CA ARG B 138 22.30 -12.72 0.60
C ARG B 138 22.48 -14.17 0.15
N LYS B 139 21.87 -14.51 -0.99
CA LYS B 139 21.95 -15.88 -1.51
C LYS B 139 22.82 -15.97 -2.76
N PHE B 140 23.04 -14.83 -3.42
CA PHE B 140 23.83 -14.82 -4.63
C PHE B 140 25.28 -14.49 -4.32
N HIS B 141 26.15 -15.49 -4.54
CA HIS B 141 27.57 -15.32 -4.27
C HIS B 141 28.46 -15.75 -5.43
N TRP B 142 29.12 -14.76 -6.02
CA TRP B 142 30.06 -14.98 -7.12
C TRP B 142 30.69 -13.65 -7.48
N PRO B 143 31.93 -13.66 -8.00
CA PRO B 143 32.61 -12.43 -8.37
C PRO B 143 31.74 -11.61 -9.32
N LEU B 144 31.55 -10.32 -9.02
CA LEU B 144 30.72 -9.47 -9.87
C LEU B 144 30.99 -9.77 -11.33
N GLY B 145 29.93 -10.12 -12.03
CA GLY B 145 30.05 -10.47 -13.43
C GLY B 145 29.17 -11.67 -13.73
N ARG B 146 29.57 -12.46 -14.72
CA ARG B 146 28.80 -13.63 -15.11
C ARG B 146 28.64 -14.68 -14.01
N ARG B 147 27.41 -15.14 -13.81
CA ARG B 147 27.15 -16.16 -12.80
C ARG B 147 27.82 -17.45 -13.26
N PRO B 148 28.62 -18.08 -12.39
CA PRO B 148 29.32 -19.33 -12.73
C PRO B 148 28.42 -20.43 -13.27
N ASP B 149 29.00 -21.31 -14.08
CA ASP B 149 28.26 -22.42 -14.68
C ASP B 149 27.51 -23.28 -13.67
N ASP B 150 28.16 -23.59 -12.55
CA ASP B 150 27.55 -24.45 -11.54
C ASP B 150 26.81 -23.78 -10.38
N HIS B 151 26.64 -22.45 -10.43
CA HIS B 151 25.91 -21.79 -9.36
C HIS B 151 24.45 -22.18 -9.55
N PRO B 152 23.77 -22.65 -8.48
CA PRO B 152 22.37 -23.04 -8.62
C PRO B 152 21.48 -21.95 -9.24
N GLY B 153 20.45 -22.39 -9.95
CA GLY B 153 19.52 -21.48 -10.60
C GLY B 153 18.50 -20.89 -9.64
N LEU B 154 17.58 -20.11 -10.20
CA LEU B 154 16.54 -19.46 -9.42
C LEU B 154 15.67 -20.38 -8.56
N SER B 155 15.23 -21.49 -9.13
CA SER B 155 14.38 -22.42 -8.41
C SER B 155 15.13 -23.36 -7.47
N GLU B 156 16.45 -23.23 -7.41
CA GLU B 156 17.27 -24.10 -6.56
C GLU B 156 17.76 -23.42 -5.28
N LEU B 157 17.34 -22.17 -5.06
CA LEU B 157 17.79 -21.44 -3.88
C LEU B 157 16.73 -21.26 -2.79
N GLY B 158 15.67 -22.06 -2.86
CA GLY B 158 14.62 -21.98 -1.86
C GLY B 158 14.08 -20.58 -1.62
N LEU B 159 13.96 -19.80 -2.68
CA LEU B 159 13.46 -18.43 -2.56
C LEU B 159 11.98 -18.40 -2.22
N GLU B 160 11.30 -19.53 -2.40
CA GLU B 160 9.88 -19.62 -2.09
C GLU B 160 9.63 -20.39 -0.81
N ALA C 5 6.32 -10.86 32.08
CA ALA C 5 6.33 -10.05 33.33
C ALA C 5 7.09 -8.74 33.13
N GLN C 6 7.34 -8.39 31.88
CA GLN C 6 8.08 -7.16 31.61
C GLN C 6 7.34 -5.91 32.09
N VAL C 7 8.13 -4.91 32.45
CA VAL C 7 7.62 -3.63 32.92
C VAL C 7 8.31 -2.61 32.02
N ARG C 8 7.53 -1.79 31.33
CA ARG C 8 8.10 -0.80 30.42
C ARG C 8 7.68 0.61 30.74
N PRO C 9 8.48 1.34 31.53
CA PRO C 9 8.15 2.72 31.87
C PRO C 9 8.39 3.64 30.68
N PRO C 10 7.76 4.83 30.68
CA PRO C 10 6.86 5.35 31.70
C PRO C 10 5.59 4.51 31.89
N LEU C 11 5.12 4.47 33.14
CA LEU C 11 3.92 3.71 33.48
C LEU C 11 2.77 4.69 33.76
N PRO C 12 1.53 4.26 33.45
CA PRO C 12 0.37 5.13 33.67
C PRO C 12 0.04 5.18 35.17
N PRO C 13 -0.68 6.23 35.60
CA PRO C 13 -1.19 7.34 34.81
C PRO C 13 -0.08 8.31 34.44
N PHE C 14 -0.16 8.87 33.24
CA PHE C 14 0.86 9.77 32.72
C PHE C 14 0.74 11.23 33.13
N THR C 15 1.86 11.93 33.02
CA THR C 15 1.93 13.36 33.28
C THR C 15 2.30 13.85 31.89
N ARG C 16 2.30 15.16 31.67
CA ARG C 16 2.66 15.67 30.35
C ARG C 16 4.06 15.19 30.00
N GLU C 17 4.97 15.34 30.95
CA GLU C 17 6.36 14.93 30.77
C GLU C 17 6.56 13.44 30.51
N SER C 18 5.88 12.58 31.26
CA SER C 18 6.03 11.15 31.06
C SER C 18 5.36 10.70 29.75
N ALA C 19 4.30 11.39 29.35
CA ALA C 19 3.61 11.05 28.11
C ALA C 19 4.56 11.37 26.94
N ILE C 20 5.22 12.52 27.01
CA ILE C 20 6.15 12.92 25.97
C ILE C 20 7.29 11.90 25.87
N GLU C 21 7.76 11.42 27.02
CA GLU C 21 8.82 10.43 27.05
C GLU C 21 8.32 9.11 26.46
N LYS C 22 7.11 8.73 26.83
CA LYS C 22 6.52 7.48 26.33
C LYS C 22 6.44 7.53 24.80
N ILE C 23 6.06 8.69 24.28
CA ILE C 23 5.94 8.87 22.84
C ILE C 23 7.29 8.81 22.14
N ARG C 24 8.31 9.42 22.74
CA ARG C 24 9.64 9.42 22.14
C ARG C 24 10.22 8.02 22.07
N LEU C 25 10.06 7.25 23.14
CA LEU C 25 10.56 5.87 23.16
C LEU C 25 9.86 5.04 22.09
N ALA C 26 8.55 5.28 21.93
CA ALA C 26 7.78 4.56 20.93
C ALA C 26 8.27 4.95 19.53
N GLU C 27 8.50 6.24 19.33
CA GLU C 27 8.98 6.73 18.04
C GLU C 27 10.31 6.03 17.73
N ASP C 28 11.19 5.97 18.73
CA ASP C 28 12.49 5.32 18.56
C ASP C 28 12.29 3.86 18.15
N GLY C 29 11.33 3.19 18.79
CA GLY C 29 11.06 1.80 18.47
C GLY C 29 10.64 1.63 17.02
N TRP C 30 9.64 2.38 16.59
CA TRP C 30 9.20 2.25 15.21
C TRP C 30 10.27 2.66 14.21
N ASN C 31 11.14 3.60 14.57
CA ASN C 31 12.20 4.00 13.65
C ASN C 31 13.26 2.91 13.48
N SER C 32 13.17 1.85 14.26
CA SER C 32 14.12 0.74 14.13
C SER C 32 13.64 -0.18 13.01
N ARG C 33 12.37 -0.04 12.65
CA ARG C 33 11.75 -0.87 11.60
C ARG C 33 11.97 -2.34 11.87
N ASP C 34 11.98 -2.69 13.16
CA ASP C 34 12.20 -4.06 13.64
C ASP C 34 10.90 -4.59 14.23
N PRO C 35 10.15 -5.41 13.47
CA PRO C 35 8.88 -5.96 13.96
C PRO C 35 8.94 -6.60 15.34
N GLU C 36 9.97 -7.41 15.60
CA GLU C 36 10.10 -8.06 16.89
C GLU C 36 10.25 -7.03 18.01
N ARG C 37 11.22 -6.13 17.88
CA ARG C 37 11.44 -5.11 18.89
C ARG C 37 10.19 -4.29 19.16
N VAL C 38 9.55 -3.81 18.10
CA VAL C 38 8.35 -3.00 18.24
C VAL C 38 7.19 -3.75 18.91
N SER C 39 6.99 -5.01 18.52
CA SER C 39 5.89 -5.80 19.07
C SER C 39 5.93 -5.96 20.58
N LEU C 40 7.12 -5.97 21.16
CA LEU C 40 7.25 -6.16 22.60
C LEU C 40 6.64 -5.05 23.45
N ALA C 41 6.34 -3.92 22.83
CA ALA C 41 5.75 -2.79 23.55
C ALA C 41 4.25 -2.96 23.73
N TYR C 42 3.70 -4.00 23.10
CA TYR C 42 2.27 -4.27 23.16
C TYR C 42 1.94 -5.51 23.96
N THR C 43 0.76 -5.53 24.58
CA THR C 43 0.36 -6.69 25.37
C THR C 43 0.22 -7.91 24.47
N LEU C 44 0.32 -9.10 25.06
CA LEU C 44 0.18 -10.33 24.28
C LEU C 44 -1.16 -10.39 23.56
N ASP C 45 -2.18 -9.81 24.18
CA ASP C 45 -3.53 -9.80 23.62
C ASP C 45 -3.90 -8.42 23.11
N THR C 46 -2.90 -7.67 22.63
CA THR C 46 -3.13 -6.32 22.15
C THR C 46 -4.20 -6.26 21.05
N GLN C 47 -5.02 -5.22 21.09
CA GLN C 47 -6.09 -5.02 20.11
C GLN C 47 -5.77 -3.79 19.27
N TRP C 48 -5.66 -3.99 17.97
CA TRP C 48 -5.32 -2.92 17.04
C TRP C 48 -6.27 -2.72 15.87
N ARG C 49 -6.38 -1.47 15.45
CA ARG C 49 -7.05 -1.16 14.21
C ARG C 49 -6.04 -0.17 13.62
N ASN C 50 -5.45 -0.55 12.48
CA ASN C 50 -4.48 0.29 11.78
C ASN C 50 -5.10 0.47 10.40
N ARG C 51 -5.54 1.67 10.11
CA ARG C 51 -6.20 1.98 8.84
C ARG C 51 -7.44 1.05 8.79
N ALA C 52 -7.59 0.26 7.75
CA ALA C 52 -8.74 -0.64 7.65
C ALA C 52 -8.40 -2.08 8.02
N GLU C 53 -7.28 -2.25 8.74
CA GLU C 53 -6.82 -3.56 9.15
C GLU C 53 -6.87 -3.75 10.66
N PHE C 54 -7.24 -4.95 11.10
CA PHE C 54 -7.32 -5.23 12.52
C PHE C 54 -6.32 -6.30 12.95
N ALA C 55 -5.89 -6.23 14.21
CA ALA C 55 -4.98 -7.21 14.78
C ALA C 55 -5.53 -7.51 16.18
N HIS C 56 -5.50 -8.77 16.58
CA HIS C 56 -6.06 -9.15 17.88
C HIS C 56 -5.11 -9.73 18.92
N ASN C 57 -3.82 -9.70 18.62
CA ASN C 57 -2.82 -10.16 19.57
C ASN C 57 -1.45 -9.69 19.08
N ARG C 58 -0.43 -9.81 19.93
CA ARG C 58 0.91 -9.35 19.56
C ARG C 58 1.48 -9.99 18.29
N GLU C 59 1.23 -11.28 18.08
CA GLU C 59 1.76 -11.95 16.90
C GLU C 59 1.13 -11.39 15.62
N GLU C 60 -0.16 -11.07 15.67
CA GLU C 60 -0.81 -10.51 14.49
C GLU C 60 -0.25 -9.11 14.24
N ALA C 61 0.01 -8.38 15.32
CA ALA C 61 0.58 -7.05 15.18
C ALA C 61 1.98 -7.16 14.57
N LYS C 62 2.76 -8.14 15.00
CA LYS C 62 4.10 -8.34 14.47
C LYS C 62 4.05 -8.69 12.98
N ALA C 63 3.09 -9.53 12.61
CA ALA C 63 2.94 -9.92 11.20
C ALA C 63 2.62 -8.68 10.37
N PHE C 64 1.79 -7.79 10.91
CA PHE C 64 1.44 -6.54 10.24
C PHE C 64 2.69 -5.69 10.04
N LEU C 65 3.51 -5.60 11.08
CA LEU C 65 4.73 -4.79 11.01
C LEU C 65 5.71 -5.36 10.01
N THR C 66 5.75 -6.69 9.88
CA THR C 66 6.64 -7.33 8.93
C THR C 66 6.21 -6.94 7.52
N ARG C 67 4.91 -6.95 7.26
CA ARG C 67 4.41 -6.56 5.96
C ARG C 67 4.69 -5.07 5.74
N LYS C 68 4.45 -4.28 6.78
CA LYS C 68 4.64 -2.84 6.71
C LYS C 68 6.02 -2.41 6.21
N TRP C 69 7.06 -2.92 6.84
CA TRP C 69 8.40 -2.52 6.45
C TRP C 69 9.02 -3.26 5.27
N ALA C 70 8.25 -4.13 4.64
CA ALA C 70 8.71 -4.82 3.45
C ALA C 70 8.16 -3.94 2.32
N LYS C 71 7.20 -3.10 2.65
CA LYS C 71 6.53 -2.22 1.69
C LYS C 71 6.91 -0.74 1.80
N GLU C 72 6.98 -0.23 3.02
CA GLU C 72 7.34 1.18 3.24
C GLU C 72 8.85 1.27 3.40
N LEU C 73 9.52 1.57 2.29
CA LEU C 73 10.98 1.63 2.27
C LEU C 73 11.55 2.97 2.69
N ASP C 74 12.72 2.92 3.34
CA ASP C 74 13.41 4.10 3.84
C ASP C 74 12.48 4.92 4.72
N TYR C 75 11.81 4.21 5.61
CA TYR C 75 10.85 4.77 6.56
C TYR C 75 11.50 5.60 7.68
N ARG C 76 11.01 6.83 7.83
CA ARG C 76 11.47 7.77 8.86
C ARG C 76 10.22 8.37 9.51
N LEU C 77 10.15 8.27 10.84
CA LEU C 77 8.99 8.73 11.61
C LEU C 77 9.20 9.78 12.70
N ILE C 78 8.20 10.63 12.89
CA ILE C 78 8.20 11.61 13.97
C ILE C 78 6.83 11.57 14.63
N LYS C 79 6.81 11.35 15.95
CA LYS C 79 5.59 11.31 16.73
C LYS C 79 5.57 12.55 17.64
N GLU C 80 4.37 12.98 18.04
CA GLU C 80 4.25 14.13 18.93
C GLU C 80 2.96 14.08 19.74
N LEU C 81 3.05 14.44 21.01
CA LEU C 81 1.90 14.44 21.91
C LEU C 81 0.79 15.39 21.48
N TRP C 82 -0.47 14.96 21.63
CA TRP C 82 -1.58 15.84 21.37
C TRP C 82 -2.23 16.07 22.73
N ALA C 83 -2.67 14.98 23.37
CA ALA C 83 -3.32 15.08 24.68
C ALA C 83 -3.17 13.75 25.41
N PHE C 84 -3.44 13.74 26.70
CA PHE C 84 -3.34 12.52 27.49
C PHE C 84 -4.31 12.59 28.66
N THR C 85 -4.75 11.42 29.11
CA THR C 85 -5.67 11.33 30.23
C THR C 85 -5.52 9.96 30.86
N ASP C 86 -5.13 9.94 32.13
CA ASP C 86 -4.94 8.69 32.86
C ASP C 86 -3.97 7.77 32.11
N ASN C 87 -4.47 6.61 31.68
CA ASN C 87 -3.64 5.63 30.98
C ASN C 87 -3.74 5.71 29.45
N ARG C 88 -4.33 6.79 28.95
CA ARG C 88 -4.50 6.98 27.51
C ARG C 88 -3.68 8.16 27.00
N ILE C 89 -3.15 8.01 25.80
CA ILE C 89 -2.39 9.08 25.17
C ILE C 89 -2.89 9.22 23.73
N ALA C 90 -3.01 10.46 23.27
CA ALA C 90 -3.42 10.75 21.90
C ALA C 90 -2.17 11.32 21.23
N VAL C 91 -1.75 10.70 20.14
CA VAL C 91 -0.54 11.08 19.43
C VAL C 91 -0.74 11.48 17.95
N ARG C 92 0.01 12.48 17.51
CA ARG C 92 -0.02 12.93 16.12
C ARG C 92 1.33 12.51 15.52
N TYR C 93 1.35 12.16 14.24
CA TYR C 93 2.62 11.76 13.66
C TYR C 93 2.66 11.85 12.15
N ALA C 94 3.86 11.69 11.61
CA ALA C 94 4.07 11.71 10.18
C ALA C 94 5.29 10.86 9.88
N TYR C 95 5.25 10.17 8.76
CA TYR C 95 6.38 9.37 8.35
C TYR C 95 6.56 9.47 6.84
N GLU C 96 7.81 9.56 6.41
CA GLU C 96 8.14 9.66 4.99
C GLU C 96 8.75 8.33 4.55
N TRP C 97 8.44 7.94 3.33
CA TRP C 97 8.90 6.67 2.80
C TRP C 97 8.63 6.64 1.30
N HIS C 98 9.07 5.57 0.65
CA HIS C 98 8.81 5.42 -0.77
C HIS C 98 8.49 3.95 -1.05
N ASP C 99 7.74 3.70 -2.12
CA ASP C 99 7.44 2.33 -2.50
C ASP C 99 8.49 1.85 -3.49
N ASP C 100 8.37 0.62 -3.96
CA ASP C 100 9.36 0.11 -4.90
C ASP C 100 9.08 0.46 -6.37
N SER C 101 8.31 1.51 -6.57
CA SER C 101 8.02 2.00 -7.92
C SER C 101 8.60 3.40 -8.00
N GLY C 102 9.24 3.83 -6.92
CA GLY C 102 9.87 5.14 -6.89
C GLY C 102 8.99 6.29 -6.42
N ASN C 103 7.81 5.96 -5.90
CA ASN C 103 6.89 6.99 -5.42
C ASN C 103 7.16 7.32 -3.95
N TRP C 104 7.46 8.58 -3.66
CA TRP C 104 7.68 9.00 -2.28
C TRP C 104 6.37 9.50 -1.71
N PHE C 105 6.20 9.32 -0.40
CA PHE C 105 4.99 9.77 0.28
C PHE C 105 5.31 10.31 1.64
N ARG C 106 4.40 11.13 2.15
CA ARG C 106 4.49 11.59 3.53
C ARG C 106 3.13 11.15 4.03
N SER C 107 3.13 10.31 5.06
CA SER C 107 1.90 9.82 5.62
C SER C 107 1.65 10.56 6.93
N TYR C 108 0.42 11.02 7.11
CA TYR C 108 0.04 11.77 8.30
C TYR C 108 -0.86 10.88 9.13
N GLY C 109 -0.56 10.76 10.42
CA GLY C 109 -1.40 9.90 11.22
C GLY C 109 -1.78 10.44 12.58
N ASN C 110 -2.83 9.86 13.13
CA ASN C 110 -3.34 10.17 14.46
C ASN C 110 -3.50 8.78 15.07
N GLU C 111 -2.82 8.53 16.18
CA GLU C 111 -2.95 7.23 16.84
C GLU C 111 -3.31 7.44 18.30
N ASN C 112 -4.26 6.64 18.77
CA ASN C 112 -4.73 6.72 20.15
C ASN C 112 -4.31 5.44 20.89
N TRP C 113 -3.63 5.65 22.02
CA TRP C 113 -3.06 4.57 22.83
C TRP C 113 -3.67 4.37 24.22
N GLU C 114 -3.75 3.12 24.66
CA GLU C 114 -4.25 2.79 25.99
C GLU C 114 -3.28 1.77 26.59
N PHE C 115 -2.73 2.08 27.76
CA PHE C 115 -1.74 1.22 28.40
C PHE C 115 -2.18 0.51 29.68
N ASP C 116 -1.60 -0.67 29.94
CA ASP C 116 -1.92 -1.38 31.16
C ASP C 116 -0.96 -0.86 32.23
N GLU C 117 -1.11 -1.36 33.45
CA GLU C 117 -0.28 -0.90 34.55
C GLU C 117 1.21 -1.20 34.41
N GLN C 118 1.55 -2.12 33.52
CA GLN C 118 2.94 -2.49 33.28
C GLN C 118 3.59 -1.67 32.17
N GLY C 119 2.83 -0.73 31.60
CA GLY C 119 3.38 0.11 30.54
C GLY C 119 3.27 -0.47 29.14
N LEU C 120 2.60 -1.61 29.00
CA LEU C 120 2.43 -2.23 27.69
C LEU C 120 1.14 -1.68 27.09
N ALA C 122 -2.28 -1.98 25.43
CA ALA C 122 -3.36 -2.92 25.25
C ALA C 122 -4.24 -2.62 24.03
N ARG C 123 -4.37 -1.34 23.71
CA ARG C 123 -5.19 -0.94 22.55
C ARG C 123 -4.47 0.13 21.73
N ARG C 124 -4.54 -0.01 20.42
CA ARG C 124 -3.92 0.94 19.50
C ARG C 124 -4.89 1.22 18.35
N PHE C 125 -5.33 2.46 18.22
CA PHE C 125 -6.24 2.85 17.14
C PHE C 125 -5.52 3.88 16.30
N ALA C 126 -5.10 3.49 15.10
CA ALA C 126 -4.36 4.41 14.23
C ALA C 126 -5.06 4.65 12.89
N CYS C 127 -5.14 5.91 12.50
CA CYS C 127 -5.72 6.31 11.23
C CYS C 127 -4.59 7.04 10.52
N ILE C 128 -4.40 6.74 9.24
CA ILE C 128 -3.29 7.32 8.49
C ILE C 128 -3.67 7.65 7.05
N ASN C 129 -3.23 8.81 6.57
CA ASN C 129 -3.49 9.20 5.20
C ASN C 129 -2.18 9.52 4.49
N ASP C 130 -2.15 9.22 3.20
CA ASP C 130 -0.94 9.37 2.42
C ASP C 130 -0.95 10.47 1.37
N PRO C 132 1.28 12.02 -1.80
CA PRO C 132 2.43 11.83 -2.68
C PRO C 132 3.30 13.09 -2.64
N ILE C 133 4.62 12.91 -2.59
CA ILE C 133 5.53 14.05 -2.58
C ILE C 133 6.70 13.77 -3.50
N LYS C 134 7.38 14.83 -3.92
CA LYS C 134 8.56 14.67 -4.77
C LYS C 134 9.71 14.43 -3.80
N ALA C 135 10.74 13.72 -4.25
CA ALA C 135 11.88 13.43 -3.40
C ALA C 135 12.46 14.69 -2.75
N GLN C 136 12.50 15.79 -3.50
CA GLN C 136 13.04 17.03 -2.97
C GLN C 136 12.20 17.66 -1.87
N GLU C 137 10.95 17.22 -1.74
CA GLU C 137 10.06 17.77 -0.72
C GLU C 137 10.18 17.05 0.62
N ARG C 138 11.05 16.04 0.68
CA ARG C 138 11.27 15.29 1.92
C ARG C 138 11.83 16.21 3.00
N LYS C 139 11.30 16.08 4.21
CA LYS C 139 11.74 16.90 5.34
C LYS C 139 12.56 16.10 6.35
N PHE C 140 12.45 14.77 6.31
CA PHE C 140 13.17 13.91 7.26
C PHE C 140 14.45 13.35 6.64
N HIS C 141 15.62 13.72 7.19
CA HIS C 141 16.89 13.27 6.64
C HIS C 141 18.00 12.77 7.59
N TRP C 142 17.65 12.01 8.61
CA TRP C 142 18.66 11.50 9.53
C TRP C 142 19.04 10.07 9.16
N PRO C 143 20.14 9.54 9.73
CA PRO C 143 20.52 8.16 9.40
C PRO C 143 19.39 7.22 9.80
N LEU C 144 18.94 6.36 8.90
CA LEU C 144 17.85 5.44 9.23
C LEU C 144 18.05 4.90 10.64
N GLY C 145 17.02 5.08 11.46
CA GLY C 145 17.08 4.66 12.85
C GLY C 145 16.52 5.78 13.70
N ARG C 146 16.97 5.87 14.94
CA ARG C 146 16.50 6.88 15.86
C ARG C 146 16.67 8.33 15.39
N ARG C 147 15.63 9.12 15.54
CA ARG C 147 15.70 10.53 15.15
C ARG C 147 16.61 11.25 16.15
N PRO C 148 17.65 11.93 15.65
CA PRO C 148 18.56 12.65 16.53
C PRO C 148 17.84 13.65 17.42
N ASP C 149 18.35 13.86 18.63
CA ASP C 149 17.73 14.79 19.56
C ASP C 149 17.79 16.22 19.03
N ASP C 150 18.71 16.47 18.10
CA ASP C 150 18.87 17.80 17.51
C ASP C 150 17.86 18.08 16.40
N HIS C 151 17.17 17.03 15.95
CA HIS C 151 16.20 17.20 14.88
C HIS C 151 14.88 17.79 15.36
N PRO C 152 14.34 18.78 14.62
CA PRO C 152 13.07 19.44 14.96
C PRO C 152 11.89 18.48 15.07
N GLY C 153 10.95 18.82 15.95
CA GLY C 153 9.78 17.99 16.16
C GLY C 153 8.68 18.20 15.13
N LEU C 154 7.61 17.43 15.26
CA LEU C 154 6.50 17.50 14.31
C LEU C 154 5.96 18.90 14.07
N SER C 155 5.66 19.62 15.15
CA SER C 155 5.11 20.97 15.04
C SER C 155 6.13 22.04 14.66
N GLU C 156 7.40 21.65 14.53
CA GLU C 156 8.45 22.59 14.18
C GLU C 156 8.94 22.44 12.75
N LEU C 157 8.25 21.63 11.97
CA LEU C 157 8.65 21.41 10.58
C LEU C 157 7.67 22.03 9.59
N GLY C 158 6.83 22.94 10.09
CA GLY C 158 5.87 23.60 9.23
C GLY C 158 5.04 22.63 8.42
N LEU C 159 4.83 21.43 8.95
CA LEU C 159 4.05 20.41 8.26
C LEU C 159 2.71 20.97 7.81
N ASN D 4 -23.12 39.35 18.66
CA ASN D 4 -21.95 40.08 19.23
C ASN D 4 -20.67 39.31 18.95
N ALA D 5 -20.07 38.76 20.00
CA ALA D 5 -18.84 37.98 19.89
C ALA D 5 -19.18 36.50 19.74
N GLN D 6 -18.57 35.84 18.74
CA GLN D 6 -18.83 34.43 18.48
C GLN D 6 -18.29 33.52 19.58
N VAL D 7 -19.18 33.05 20.45
CA VAL D 7 -18.80 32.17 21.54
C VAL D 7 -19.68 30.91 21.48
N ARG D 8 -19.03 29.75 21.55
CA ARG D 8 -19.73 28.47 21.48
C ARG D 8 -19.28 27.53 22.60
N PRO D 9 -20.01 27.53 23.72
CA PRO D 9 -19.67 26.66 24.85
C PRO D 9 -19.96 25.20 24.50
N PRO D 10 -19.36 24.25 25.23
CA PRO D 10 -18.43 24.43 26.36
C PRO D 10 -17.12 25.10 25.96
N LEU D 11 -16.53 25.80 26.92
CA LEU D 11 -15.26 26.50 26.70
C LEU D 11 -14.14 25.80 27.46
N PRO D 12 -12.89 25.97 27.00
CA PRO D 12 -11.77 25.33 27.69
C PRO D 12 -11.44 26.16 28.93
N PRO D 13 -10.76 25.56 29.93
CA PRO D 13 -10.29 24.17 29.94
C PRO D 13 -11.46 23.22 30.16
N PHE D 14 -11.44 22.10 29.44
CA PHE D 14 -12.52 21.13 29.53
C PHE D 14 -12.39 20.19 30.72
N THR D 15 -13.52 19.63 31.12
CA THR D 15 -13.58 18.64 32.19
C THR D 15 -14.04 17.42 31.40
N ARG D 16 -14.11 16.26 32.03
CA ARG D 16 -14.54 15.08 31.29
C ARG D 16 -15.96 15.28 30.75
N GLU D 17 -16.85 15.78 31.60
CA GLU D 17 -18.23 16.01 31.19
C GLU D 17 -18.36 17.06 30.09
N SER D 18 -17.66 18.19 30.22
CA SER D 18 -17.79 19.22 29.20
C SER D 18 -17.13 18.80 27.89
N ALA D 19 -16.13 17.94 27.96
CA ALA D 19 -15.45 17.45 26.76
C ALA D 19 -16.41 16.53 26.01
N ILE D 20 -17.10 15.66 26.75
CA ILE D 20 -18.06 14.75 26.15
C ILE D 20 -19.20 15.54 25.52
N GLU D 21 -19.62 16.63 26.18
CA GLU D 21 -20.67 17.48 25.65
C GLU D 21 -20.19 18.14 24.36
N LYS D 22 -18.96 18.63 24.37
CA LYS D 22 -18.38 19.29 23.21
C LYS D 22 -18.40 18.34 22.02
N ILE D 23 -18.04 17.08 22.27
CA ILE D 23 -18.01 16.07 21.22
C ILE D 23 -19.42 15.77 20.69
N ARG D 24 -20.40 15.65 21.59
CA ARG D 24 -21.77 15.36 21.18
C ARG D 24 -22.32 16.49 20.30
N LEU D 25 -22.09 17.74 20.70
CA LEU D 25 -22.57 18.86 19.92
C LEU D 25 -21.94 18.86 18.53
N ALA D 26 -20.66 18.52 18.47
CA ALA D 26 -19.95 18.47 17.19
C ALA D 26 -20.55 17.35 16.34
N GLU D 27 -20.77 16.21 16.96
CA GLU D 27 -21.35 15.08 16.25
C GLU D 27 -22.71 15.46 15.68
N ASP D 28 -23.52 16.14 16.47
CA ASP D 28 -24.84 16.57 16.01
C ASP D 28 -24.70 17.49 14.80
N GLY D 29 -23.71 18.38 14.85
CA GLY D 29 -23.50 19.30 13.75
C GLY D 29 -23.14 18.59 12.47
N TRP D 30 -22.16 17.70 12.52
CA TRP D 30 -21.75 17.00 11.31
C TRP D 30 -22.87 16.10 10.80
N ASN D 31 -23.71 15.59 11.70
CA ASN D 31 -24.81 14.73 11.26
C ASN D 31 -25.90 15.52 10.54
N SER D 32 -25.76 16.84 10.49
CA SER D 32 -26.73 17.67 9.78
C SER D 32 -26.33 17.73 8.30
N ARG D 33 -25.09 17.35 8.02
CA ARG D 33 -24.55 17.36 6.66
C ARG D 33 -24.74 18.73 6.02
N ASP D 34 -24.68 19.77 6.85
CA ASP D 34 -24.86 21.16 6.43
C ASP D 34 -23.53 21.90 6.55
N PRO D 35 -22.83 22.15 5.43
CA PRO D 35 -21.54 22.85 5.44
C PRO D 35 -21.53 24.17 6.20
N GLU D 36 -22.53 25.01 5.97
CA GLU D 36 -22.61 26.30 6.64
C GLU D 36 -22.68 26.13 8.17
N ARG D 37 -23.64 25.35 8.63
CA ARG D 37 -23.81 25.12 10.06
C ARG D 37 -22.55 24.57 10.73
N VAL D 38 -21.97 23.54 10.12
CA VAL D 38 -20.77 22.94 10.68
C VAL D 38 -19.59 23.91 10.72
N SER D 39 -19.41 24.70 9.66
CA SER D 39 -18.30 25.64 9.60
C SER D 39 -18.29 26.70 10.70
N LEU D 40 -19.45 27.00 11.27
CA LEU D 40 -19.52 28.03 12.30
C LEU D 40 -18.83 27.65 13.60
N ALA D 41 -18.50 26.36 13.75
CA ALA D 41 -17.84 25.90 14.97
C ALA D 41 -16.34 26.14 14.91
N TYR D 42 -15.85 26.59 13.75
CA TYR D 42 -14.42 26.82 13.55
C TYR D 42 -14.08 28.30 13.46
N THR D 43 -12.89 28.66 13.92
CA THR D 43 -12.45 30.04 13.87
C THR D 43 -12.38 30.48 12.42
N LEU D 44 -12.44 31.79 12.18
CA LEU D 44 -12.38 32.30 10.82
C LEU D 44 -11.05 31.94 10.15
N ASP D 45 -9.99 31.84 10.96
CA ASP D 45 -8.67 31.50 10.45
C ASP D 45 -8.30 30.06 10.86
N THR D 46 -9.31 29.19 10.89
CA THR D 46 -9.11 27.81 11.29
C THR D 46 -8.09 27.10 10.39
N GLN D 47 -7.29 26.21 10.98
CA GLN D 47 -6.27 25.47 10.23
C GLN D 47 -6.61 23.98 10.30
N TRP D 48 -6.82 23.39 9.14
CA TRP D 48 -7.19 21.98 9.03
C TRP D 48 -6.30 21.13 8.15
N ARG D 49 -6.21 19.86 8.50
CA ARG D 49 -5.60 18.86 7.64
C ARG D 49 -6.61 17.74 7.82
N ASN D 50 -7.32 17.42 6.74
CA ASN D 50 -8.32 16.36 6.72
C ASN D 50 -7.73 15.38 5.71
N ARG D 51 -7.27 14.23 6.21
CA ARG D 51 -6.63 13.23 5.36
C ARG D 51 -5.40 13.91 4.76
N ALA D 52 -5.29 13.99 3.44
CA ALA D 52 -4.13 14.62 2.82
C ALA D 52 -4.48 15.99 2.23
N GLU D 53 -5.58 16.55 2.71
CA GLU D 53 -6.10 17.85 2.27
C GLU D 53 -5.93 18.88 3.37
N PHE D 54 -5.76 20.16 3.00
CA PHE D 54 -5.59 21.22 3.98
C PHE D 54 -6.57 22.38 3.77
N ALA D 55 -6.90 23.06 4.86
CA ALA D 55 -7.80 24.21 4.84
C ALA D 55 -7.16 25.27 5.74
N HIS D 56 -7.19 26.52 5.32
CA HIS D 56 -6.57 27.59 6.08
C HIS D 56 -7.48 28.72 6.58
N ASN D 57 -8.78 28.52 6.43
CA ASN D 57 -9.78 29.47 6.91
C ASN D 57 -11.13 28.81 6.86
N ARG D 58 -12.12 29.40 7.54
CA ARG D 58 -13.45 28.83 7.58
C ARG D 58 -14.07 28.58 6.22
N GLU D 59 -13.87 29.49 5.27
CA GLU D 59 -14.44 29.32 3.94
C GLU D 59 -13.87 28.08 3.24
N GLU D 60 -12.57 27.86 3.38
CA GLU D 60 -11.96 26.69 2.75
C GLU D 60 -12.47 25.43 3.42
N ALA D 61 -12.70 25.50 4.73
CA ALA D 61 -13.23 24.35 5.46
C ALA D 61 -14.64 24.07 4.93
N LYS D 62 -15.42 25.14 4.78
CA LYS D 62 -16.79 24.99 4.29
C LYS D 62 -16.79 24.38 2.88
N ALA D 63 -15.85 24.80 2.04
CA ALA D 63 -15.76 24.27 0.68
C ALA D 63 -15.48 22.77 0.73
N PHE D 64 -14.59 22.37 1.64
CA PHE D 64 -14.26 20.97 1.81
C PHE D 64 -15.51 20.19 2.20
N LEU D 65 -16.26 20.72 3.16
CA LEU D 65 -17.47 20.05 3.62
C LEU D 65 -18.49 19.90 2.51
N THR D 66 -18.59 20.91 1.64
CA THR D 66 -19.53 20.85 0.52
C THR D 66 -19.12 19.69 -0.38
N ARG D 67 -17.83 19.60 -0.69
CA ARG D 67 -17.34 18.51 -1.54
C ARG D 67 -17.54 17.18 -0.84
N LYS D 68 -17.32 17.17 0.47
CA LYS D 68 -17.45 15.96 1.27
C LYS D 68 -18.82 15.31 1.15
N TRP D 69 -19.88 16.08 1.39
CA TRP D 69 -21.22 15.50 1.33
C TRP D 69 -21.82 15.37 -0.06
N ALA D 70 -21.07 15.79 -1.06
CA ALA D 70 -21.50 15.66 -2.45
C ALA D 70 -21.01 14.26 -2.85
N LYS D 71 -20.05 13.75 -2.09
CA LYS D 71 -19.46 12.44 -2.33
C LYS D 71 -19.96 11.35 -1.37
N GLU D 72 -19.99 11.67 -0.07
CA GLU D 72 -20.43 10.72 0.94
C GLU D 72 -21.94 10.89 1.17
N LEU D 73 -22.71 9.96 0.61
CA LEU D 73 -24.17 10.01 0.69
C LEU D 73 -24.75 9.20 1.84
N ASP D 74 -25.88 9.65 2.37
CA ASP D 74 -26.55 8.99 3.49
C ASP D 74 -25.56 8.82 4.64
N TYR D 75 -24.82 9.89 4.90
CA TYR D 75 -23.81 9.94 5.95
C TYR D 75 -24.39 9.91 7.36
N ARG D 76 -23.87 8.99 8.18
CA ARG D 76 -24.27 8.85 9.58
C ARG D 76 -23.00 8.71 10.39
N LEU D 77 -22.85 9.56 11.41
CA LEU D 77 -21.64 9.62 12.23
C LEU D 77 -21.81 9.40 13.73
N ILE D 78 -20.79 8.81 14.35
CA ILE D 78 -20.75 8.61 15.80
C ILE D 78 -19.34 9.00 16.27
N LYS D 79 -19.28 9.97 17.19
CA LYS D 79 -18.01 10.43 17.75
C LYS D 79 -17.90 9.98 19.21
N GLU D 80 -16.67 9.82 19.70
CA GLU D 80 -16.47 9.41 21.08
C GLU D 80 -15.15 9.90 21.63
N LEU D 81 -15.17 10.34 22.89
CA LEU D 81 -13.98 10.82 23.56
C LEU D 81 -12.88 9.79 23.72
N TRP D 82 -11.63 10.21 23.54
CA TRP D 82 -10.51 9.32 23.79
C TRP D 82 -9.78 9.91 24.98
N ALA D 83 -9.37 11.17 24.84
CA ALA D 83 -8.65 11.89 25.90
C ALA D 83 -8.80 13.39 25.70
N PHE D 84 -8.52 14.15 26.75
CA PHE D 84 -8.61 15.60 26.68
C PHE D 84 -7.59 16.22 27.63
N THR D 85 -7.12 17.40 27.27
CA THR D 85 -6.14 18.10 28.09
C THR D 85 -6.26 19.59 27.82
N ASP D 86 -6.70 20.33 28.83
CA ASP D 86 -6.86 21.77 28.71
C ASP D 86 -7.80 22.17 27.58
N ASN D 87 -7.25 22.74 26.50
CA ASN D 87 -8.07 23.18 25.38
C ASN D 87 -8.03 22.21 24.21
N ARG D 88 -7.49 21.01 24.45
CA ARG D 88 -7.40 20.00 23.41
C ARG D 88 -8.24 18.77 23.72
N ILE D 89 -8.81 18.18 22.68
CA ILE D 89 -9.61 16.98 22.82
C ILE D 89 -9.20 16.02 21.71
N ALA D 90 -9.09 14.74 22.05
CA ALA D 90 -8.74 13.69 21.09
C ALA D 90 -10.02 12.87 20.95
N VAL D 91 -10.49 12.72 19.72
CA VAL D 91 -11.74 12.02 19.44
C VAL D 91 -11.59 10.87 18.45
N ARG D 92 -12.31 9.78 18.73
CA ARG D 92 -12.35 8.62 17.85
C ARG D 92 -13.74 8.64 17.24
N TYR D 93 -13.86 8.22 15.98
CA TYR D 93 -15.16 8.21 15.35
C TYR D 93 -15.28 7.25 14.18
N ALA D 94 -16.51 7.06 13.72
CA ALA D 94 -16.78 6.22 12.58
C ALA D 94 -18.04 6.74 11.91
N TYR D 95 -18.10 6.62 10.59
CA TYR D 95 -19.29 7.05 9.89
C TYR D 95 -19.52 6.14 8.71
N GLU D 96 -20.79 5.90 8.39
CA GLU D 96 -21.13 5.05 7.27
C GLU D 96 -21.74 5.91 6.19
N TRP D 97 -21.48 5.54 4.94
CA TRP D 97 -21.96 6.28 3.78
C TRP D 97 -21.84 5.43 2.53
N HIS D 98 -22.44 5.89 1.44
CA HIS D 98 -22.34 5.19 0.15
C HIS D 98 -22.02 6.19 -0.95
N ASP D 99 -21.38 5.71 -2.01
CA ASP D 99 -21.02 6.61 -3.11
C ASP D 99 -22.14 6.65 -4.16
N ASP D 100 -21.91 7.40 -5.24
CA ASP D 100 -22.92 7.53 -6.29
C ASP D 100 -23.15 6.25 -7.09
N SER D 101 -22.41 5.20 -6.74
CA SER D 101 -22.57 3.91 -7.40
C SER D 101 -23.37 2.97 -6.51
N GLY D 102 -23.70 3.45 -5.32
CA GLY D 102 -24.48 2.66 -4.38
C GLY D 102 -23.67 1.73 -3.48
N ASN D 103 -22.35 1.86 -3.53
CA ASN D 103 -21.47 1.03 -2.73
C ASN D 103 -21.21 1.66 -1.36
N TRP D 104 -21.29 0.83 -0.32
CA TRP D 104 -21.11 1.30 1.05
C TRP D 104 -19.72 1.21 1.62
N PHE D 105 -19.46 2.07 2.59
CA PHE D 105 -18.17 2.14 3.27
C PHE D 105 -18.38 2.52 4.72
N ARG D 106 -17.47 2.08 5.58
CA ARG D 106 -17.49 2.53 6.97
C ARG D 106 -16.13 3.20 7.09
N SER D 107 -16.14 4.45 7.53
CA SER D 107 -14.90 5.19 7.69
C SER D 107 -14.57 5.26 9.17
N TYR D 108 -13.32 4.98 9.49
CA TYR D 108 -12.83 5.01 10.87
C TYR D 108 -11.90 6.19 10.99
N GLY D 109 -12.16 7.06 11.95
CA GLY D 109 -11.31 8.23 12.10
C GLY D 109 -10.85 8.56 13.49
N ASN D 110 -9.79 9.35 13.52
CA ASN D 110 -9.21 9.87 14.76
C ASN D 110 -9.04 11.34 14.45
N GLU D 111 -9.67 12.20 15.22
CA GLU D 111 -9.52 13.64 15.00
C GLU D 111 -9.08 14.32 16.28
N ASN D 112 -8.10 15.21 16.15
CA ASN D 112 -7.55 15.93 17.27
C ASN D 112 -7.92 17.41 17.12
N TRP D 113 -8.52 17.94 18.18
CA TRP D 113 -9.04 19.31 18.21
C TRP D 113 -8.36 20.25 19.19
N GLU D 114 -8.22 21.51 18.80
CA GLU D 114 -7.64 22.53 19.68
C GLU D 114 -8.57 23.75 19.62
N PHE D 115 -9.08 24.16 20.78
CA PHE D 115 -10.02 25.27 20.87
C PHE D 115 -9.50 26.56 21.48
N ASP D 116 -10.05 27.69 21.03
CA ASP D 116 -9.66 28.98 21.59
C ASP D 116 -10.54 29.26 22.80
N GLU D 117 -10.31 30.37 23.47
CA GLU D 117 -11.07 30.73 24.67
C GLU D 117 -12.56 30.94 24.45
N GLN D 118 -12.94 31.18 23.19
CA GLN D 118 -14.35 31.38 22.85
C GLN D 118 -15.04 30.06 22.48
N GLY D 119 -14.30 28.97 22.56
CA GLY D 119 -14.88 27.67 22.25
C GLY D 119 -14.89 27.30 20.78
N LEU D 120 -14.28 28.12 19.93
CA LEU D 120 -14.24 27.83 18.50
C LEU D 120 -13.01 26.97 18.25
N ALA D 122 -9.73 26.15 16.56
CA ALA D 122 -8.66 26.82 15.80
C ALA D 122 -7.87 25.86 14.93
N ARG D 123 -7.75 24.61 15.37
CA ARG D 123 -7.00 23.62 14.62
C ARG D 123 -7.70 22.27 14.64
N ARG D 124 -7.73 21.63 13.48
CA ARG D 124 -8.35 20.33 13.33
C ARG D 124 -7.45 19.40 12.54
N PHE D 125 -7.04 18.30 13.16
CA PHE D 125 -6.18 17.32 12.50
C PHE D 125 -6.96 16.02 12.45
N ALA D 126 -7.42 15.67 11.26
CA ALA D 126 -8.21 14.46 11.11
C ALA D 126 -7.61 13.46 10.13
N CYS D 127 -7.56 12.19 10.56
CA CYS D 127 -7.04 11.09 9.75
C CYS D 127 -8.19 10.10 9.70
N ILE D 128 -8.53 9.65 8.49
CA ILE D 128 -9.67 8.75 8.31
C ILE D 128 -9.37 7.69 7.27
N ASN D 129 -9.76 6.45 7.56
CA ASN D 129 -9.55 5.37 6.61
C ASN D 129 -10.89 4.75 6.27
N ASP D 130 -11.06 4.42 4.99
CA ASP D 130 -12.32 3.84 4.52
C ASP D 130 -12.23 2.34 4.31
N PRO D 132 -14.50 -0.87 2.69
CA PRO D 132 -15.73 -1.25 1.98
C PRO D 132 -16.55 -2.19 2.84
N ILE D 133 -17.86 -2.05 2.80
CA ILE D 133 -18.75 -2.94 3.54
C ILE D 133 -19.95 -3.26 2.67
N LYS D 134 -20.58 -4.40 2.94
CA LYS D 134 -21.76 -4.80 2.20
C LYS D 134 -22.93 -4.06 2.84
N ALA D 135 -23.99 -3.84 2.05
CA ALA D 135 -25.16 -3.13 2.56
C ALA D 135 -25.70 -3.73 3.85
N GLN D 136 -25.63 -5.05 3.99
CA GLN D 136 -26.15 -5.71 5.18
C GLN D 136 -25.22 -5.60 6.38
N GLU D 137 -24.04 -5.00 6.18
CA GLU D 137 -23.10 -4.85 7.29
C GLU D 137 -23.23 -3.50 7.98
N ARG D 138 -24.11 -2.65 7.43
CA ARG D 138 -24.34 -1.33 8.00
C ARG D 138 -24.81 -1.43 9.44
N LYS D 139 -24.26 -0.59 10.31
CA LYS D 139 -24.63 -0.60 11.71
C LYS D 139 -25.44 0.63 12.15
N PHE D 140 -25.27 1.74 11.45
CA PHE D 140 -25.98 2.97 11.80
C PHE D 140 -27.27 3.09 10.99
N HIS D 141 -28.41 3.26 11.67
CA HIS D 141 -29.67 3.33 10.95
C HIS D 141 -30.75 4.31 11.42
N TRP D 142 -30.38 5.32 12.20
CA TRP D 142 -31.35 6.30 12.68
C TRP D 142 -31.78 7.26 11.58
N PRO D 143 -32.93 7.96 11.76
CA PRO D 143 -33.38 8.90 10.74
C PRO D 143 -32.28 9.92 10.50
N LEU D 144 -31.89 10.12 9.24
CA LEU D 144 -30.82 11.06 8.92
C LEU D 144 -30.91 12.32 9.77
N GLY D 145 -29.82 12.58 10.49
CA GLY D 145 -29.79 13.74 11.35
C GLY D 145 -29.16 13.36 12.68
N ARG D 146 -29.54 14.03 13.74
CA ARG D 146 -28.99 13.77 15.06
C ARG D 146 -29.20 12.34 15.55
N ARG D 147 -28.12 11.72 15.99
CA ARG D 147 -28.19 10.36 16.51
C ARG D 147 -29.06 10.38 17.76
N PRO D 148 -30.03 9.44 17.87
CA PRO D 148 -30.91 9.40 19.03
C PRO D 148 -30.20 9.31 20.38
N ASP D 149 -30.84 9.84 21.41
CA ASP D 149 -30.31 9.84 22.78
C ASP D 149 -29.86 8.47 23.25
N ASP D 150 -30.73 7.48 23.08
CA ASP D 150 -30.46 6.11 23.53
C ASP D 150 -29.59 5.26 22.62
N HIS D 151 -29.21 5.77 21.47
CA HIS D 151 -28.37 5.00 20.55
C HIS D 151 -27.02 4.72 21.19
N PRO D 152 -26.57 3.45 21.15
CA PRO D 152 -25.28 3.09 21.73
C PRO D 152 -24.12 3.88 21.13
N GLY D 153 -23.10 4.12 21.94
CA GLY D 153 -21.94 4.86 21.49
C GLY D 153 -21.02 4.05 20.60
N LEU D 154 -19.88 4.64 20.27
CA LEU D 154 -18.89 4.00 19.41
C LEU D 154 -18.38 2.68 19.99
N SER D 155 -17.97 2.71 21.25
CA SER D 155 -17.44 1.52 21.91
C SER D 155 -18.45 0.38 22.03
N GLU D 156 -19.63 0.58 21.47
CA GLU D 156 -20.66 -0.45 21.50
C GLU D 156 -20.98 -0.93 20.10
#